data_6IZX
#
_entry.id   6IZX
#
_cell.length_a   236.500
_cell.length_b   236.500
_cell.length_c   236.500
_cell.angle_alpha   90.000
_cell.angle_beta   90.000
_cell.angle_gamma   90.000
#
_symmetry.space_group_name_H-M   'I 4 3 2'
#
loop_
_entity.id
_entity.type
_entity.pdbx_description
1 polymer 'Genome polyprotein'
2 non-polymer 'ZINC ION'
3 non-polymer 'COBALT (II) ION'
4 non-polymer '2-oxo-2H-1,3-benzoxathiol-5-yl acetate'
5 water water
#
_entity_poly.entity_id   1
_entity_poly.type   'polypeptide(L)'
_entity_poly.pdbx_seq_one_letter_code
;MKDHLIHNHHKHEHAHAEHDYKDDDDKEHLYFQGSSGSSGTYEPDVDLGSGTRNIGIESEIPNLDIIGKRIEKIKQEHET
SWHYDQDHPYKTWAYHGSYETKQTGSASSMVNGVVRLLTKPWDVVPMVTQMAMTDTTPFGQQRVFKEKVDTRTQEPKEGT
KKLMKITAEWLWKELGKKKTPRMCTREEFTRKVRSNAALGAIFTDENKWKSAREAVEDSRFWELVDKERNLHLEGKCETC
VYNMMGKREKKLGEFGKAKGSRAIWYMWLGARFLEFEALGFLNEDHWFSRENSLSGVEGEGLHKLGYILRDVSKKEGGAM
YADDTAGWDTRITLEDLKNEEMVTNHMEGEHKKLAEAIFKLTYQNKVVRVQRPTPRGTVMDIISRRDQRGSGQVGTYGLN
TFTNMEAQLIRQMEGEGVFKSIQHLTVTEEIAVQNWLARVGRERLSRMAISGDDCVVKPLDDRFASALTALNDMGKVRKD
IQQWEPSRGWNDWTQVPFCSHHFHELIMKDGRVLVVPCRNQDELIGRARISQGAGWSLRETACLGKSYAQMWSLMYFHRR
DLRLAANAICSAVPSHWVPTSRTTWSIHAKHEWMTTEDMLTVWNRVWIQENPWMEDKTPVESWEEIPYLGKREDQWCGSL
IGLTSRATWAKNIQTAINQVRSLIGNEEYTDYMPSMKRFRREEEEA
;
_entity_poly.pdbx_strand_id   A
#
loop_
_chem_comp.id
_chem_comp.type
_chem_comp.name
_chem_comp.formula
B5C non-polymer '2-oxo-2H-1,3-benzoxathiol-5-yl acetate' 'C9 H6 O4 S'
CO non-polymer 'COBALT (II) ION' 'Co 2'
ZN non-polymer 'ZINC ION' 'Zn 2'
#
# COMPACT_ATOMS: atom_id res chain seq x y z
N ILE A 61 -1.59 -28.85 11.38
CA ILE A 61 -0.85 -28.05 12.36
C ILE A 61 -1.58 -26.73 12.71
N PRO A 62 -2.66 -26.81 13.50
CA PRO A 62 -3.10 -25.61 14.22
C PRO A 62 -2.79 -25.73 15.71
N ASN A 63 -2.18 -24.71 16.31
CA ASN A 63 -1.70 -24.81 17.68
C ASN A 63 -2.74 -24.15 18.59
N LEU A 64 -3.62 -24.96 19.17
CA LEU A 64 -4.69 -24.40 19.99
C LEU A 64 -4.16 -23.80 21.29
N ASP A 65 -2.93 -24.13 21.70
CA ASP A 65 -2.38 -23.45 22.86
C ASP A 65 -2.17 -21.96 22.61
N ILE A 66 -2.12 -21.53 21.35
CA ILE A 66 -1.92 -20.14 21.02
C ILE A 66 -3.19 -19.49 20.49
N ILE A 67 -3.97 -20.21 19.69
CA ILE A 67 -5.18 -19.65 19.09
C ILE A 67 -6.47 -20.12 19.78
N GLY A 68 -6.39 -21.09 20.70
CA GLY A 68 -7.59 -21.65 21.29
C GLY A 68 -8.39 -20.63 22.07
N LYS A 69 -7.70 -19.77 22.83
CA LYS A 69 -8.40 -18.77 23.64
C LYS A 69 -9.24 -17.84 22.76
N ARG A 70 -8.71 -17.42 21.61
CA ARG A 70 -9.49 -16.58 20.69
C ARG A 70 -10.67 -17.34 20.12
N ILE A 71 -10.46 -18.60 19.72
CA ILE A 71 -11.53 -19.37 19.11
C ILE A 71 -12.63 -19.67 20.11
N GLU A 72 -12.26 -20.07 21.33
CA GLU A 72 -13.26 -20.39 22.34
C GLU A 72 -14.06 -19.14 22.74
N LYS A 73 -13.42 -17.98 22.74
CA LYS A 73 -14.17 -16.77 23.06
C LYS A 73 -15.21 -16.46 22.00
N ILE A 74 -14.94 -16.77 20.73
CA ILE A 74 -15.92 -16.56 19.68
C ILE A 74 -16.99 -17.63 19.71
N LYS A 75 -16.57 -18.89 19.87
CA LYS A 75 -17.51 -19.98 20.03
C LYS A 75 -18.52 -19.70 21.14
N GLN A 76 -18.07 -19.13 22.25
CA GLN A 76 -18.96 -18.90 23.38
C GLN A 76 -19.92 -17.75 23.14
N GLU A 77 -19.60 -16.83 22.24
CA GLU A 77 -20.53 -15.76 21.90
C GLU A 77 -21.57 -16.19 20.86
N HIS A 78 -21.48 -17.41 20.34
CA HIS A 78 -22.44 -17.90 19.34
C HIS A 78 -22.61 -19.41 19.51
N GLU A 79 -22.77 -19.87 20.77
CA GLU A 79 -22.88 -21.30 21.01
C GLU A 79 -24.11 -21.90 20.35
N THR A 80 -25.19 -21.12 20.21
CA THR A 80 -26.42 -21.69 19.65
C THR A 80 -26.22 -22.13 18.20
N SER A 81 -25.63 -21.29 17.36
CA SER A 81 -25.45 -21.62 15.95
C SER A 81 -24.09 -22.22 15.64
N TRP A 82 -23.16 -22.26 16.60
CA TRP A 82 -21.82 -22.74 16.29
C TRP A 82 -21.88 -24.19 15.80
N HIS A 83 -21.13 -24.49 14.74
CA HIS A 83 -21.13 -25.85 14.22
C HIS A 83 -19.94 -26.01 13.30
N TYR A 84 -19.69 -27.25 12.92
CA TYR A 84 -18.66 -27.59 11.94
C TYR A 84 -19.34 -27.91 10.62
N ASP A 85 -19.10 -27.07 9.62
CA ASP A 85 -19.68 -27.24 8.29
C ASP A 85 -18.79 -28.19 7.51
N GLN A 86 -19.25 -29.43 7.31
CA GLN A 86 -18.45 -30.45 6.65
C GLN A 86 -18.22 -30.14 5.17
N ASP A 87 -18.99 -29.19 4.61
CA ASP A 87 -18.81 -28.76 3.22
C ASP A 87 -18.07 -27.43 3.10
N HIS A 88 -17.34 -27.01 4.13
CA HIS A 88 -16.61 -25.78 4.04
C HIS A 88 -15.62 -25.86 2.87
N PRO A 89 -15.23 -24.73 2.29
CA PRO A 89 -14.38 -24.75 1.10
C PRO A 89 -12.88 -24.64 1.35
N TYR A 90 -12.41 -24.56 2.60
CA TYR A 90 -11.02 -24.22 2.86
C TYR A 90 -10.07 -25.40 2.64
N LYS A 91 -8.98 -25.16 1.94
CA LYS A 91 -8.02 -26.20 1.56
C LYS A 91 -6.67 -26.06 2.26
N THR A 92 -6.09 -24.86 2.29
CA THR A 92 -4.80 -24.67 2.93
C THR A 92 -4.90 -23.86 4.21
N TRP A 93 -6.08 -23.42 4.58
CA TRP A 93 -6.32 -22.79 5.86
C TRP A 93 -6.96 -23.82 6.78
N ALA A 94 -6.64 -23.76 8.06
CA ALA A 94 -7.29 -24.62 9.04
C ALA A 94 -8.66 -24.03 9.36
N TYR A 95 -9.70 -24.84 9.23
CA TYR A 95 -11.06 -24.40 9.48
C TYR A 95 -11.52 -24.94 10.83
N HIS A 96 -12.11 -24.08 11.64
CA HIS A 96 -12.48 -24.45 12.99
C HIS A 96 -13.99 -24.54 13.23
N GLY A 97 -14.79 -23.75 12.53
CA GLY A 97 -16.23 -23.79 12.75
C GLY A 97 -16.90 -22.58 12.15
N SER A 98 -18.23 -22.59 12.24
CA SER A 98 -19.03 -21.54 11.65
C SER A 98 -20.15 -21.17 12.60
N TYR A 99 -20.70 -19.97 12.40
CA TYR A 99 -21.90 -19.58 13.12
C TYR A 99 -22.72 -18.64 12.26
N GLU A 100 -24.01 -18.55 12.55
CA GLU A 100 -24.90 -17.73 11.73
C GLU A 100 -24.62 -16.26 11.97
N THR A 101 -24.68 -15.47 10.90
CA THR A 101 -24.33 -14.07 11.00
C THR A 101 -25.19 -13.25 10.04
N LYS A 102 -25.29 -11.96 10.33
CA LYS A 102 -25.98 -11.05 9.43
C LYS A 102 -25.03 -10.63 8.31
N GLN A 103 -25.51 -10.69 7.08
CA GLN A 103 -24.68 -10.34 5.94
C GLN A 103 -24.22 -8.89 6.03
N THR A 104 -22.93 -8.66 5.85
CA THR A 104 -22.36 -7.32 5.75
C THR A 104 -21.74 -7.13 4.36
N GLY A 105 -21.40 -5.87 4.05
CA GLY A 105 -20.82 -5.52 2.77
C GLY A 105 -21.85 -5.12 1.72
N SER A 106 -21.36 -4.91 0.50
CA SER A 106 -22.22 -4.65 -0.65
C SER A 106 -21.44 -4.96 -1.93
N ALA A 107 -22.19 -5.12 -3.01
CA ALA A 107 -21.66 -5.62 -4.27
C ALA A 107 -21.41 -4.52 -5.29
N SER A 108 -21.77 -3.28 -4.97
CA SER A 108 -21.47 -2.12 -5.80
C SER A 108 -20.60 -1.15 -5.03
N SER A 109 -19.81 -0.36 -5.76
CA SER A 109 -19.12 0.80 -5.24
C SER A 109 -19.99 2.03 -5.53
N MET A 110 -19.90 3.04 -4.68
CA MET A 110 -20.74 4.23 -4.82
C MET A 110 -20.09 5.23 -5.77
N VAL A 111 -20.87 5.80 -6.67
CA VAL A 111 -20.35 6.72 -7.67
C VAL A 111 -20.38 8.15 -7.13
N ASN A 112 -19.28 8.89 -7.37
CA ASN A 112 -19.21 10.31 -7.00
C ASN A 112 -19.91 11.10 -8.09
N GLY A 113 -21.13 11.54 -7.81
CA GLY A 113 -21.92 12.20 -8.82
C GLY A 113 -21.35 13.53 -9.28
N VAL A 114 -20.54 14.18 -8.44
CA VAL A 114 -19.94 15.46 -8.86
C VAL A 114 -18.86 15.21 -9.91
N VAL A 115 -17.93 14.30 -9.61
CA VAL A 115 -16.89 13.98 -10.59
C VAL A 115 -17.52 13.39 -11.84
N ARG A 116 -18.58 12.60 -11.67
CA ARG A 116 -19.18 11.94 -12.82
C ARG A 116 -19.78 12.96 -13.79
N LEU A 117 -20.53 13.93 -13.26
CA LEU A 117 -21.14 14.95 -14.13
C LEU A 117 -20.11 15.79 -14.87
N LEU A 118 -18.89 15.92 -14.35
CA LEU A 118 -17.87 16.71 -15.04
C LEU A 118 -16.93 15.88 -15.89
N THR A 119 -17.12 14.55 -15.92
CA THR A 119 -16.27 13.66 -16.71
C THR A 119 -17.12 12.78 -17.61
N LYS A 120 -18.16 13.36 -18.20
CA LYS A 120 -19.15 12.58 -18.94
C LYS A 120 -18.58 11.77 -20.10
N PRO A 121 -17.59 12.23 -20.87
CA PRO A 121 -17.00 11.33 -21.89
C PRO A 121 -16.58 9.97 -21.37
N TRP A 122 -16.27 9.84 -20.09
CA TRP A 122 -15.78 8.58 -19.55
C TRP A 122 -16.91 7.66 -19.11
N ASP A 123 -18.17 8.07 -19.29
CA ASP A 123 -19.28 7.19 -18.98
C ASP A 123 -19.24 5.89 -19.78
N VAL A 124 -18.61 5.90 -20.96
CA VAL A 124 -18.56 4.74 -21.85
C VAL A 124 -17.21 4.05 -21.87
N VAL A 125 -16.22 4.53 -21.13
CA VAL A 125 -14.94 3.79 -21.11
C VAL A 125 -15.09 2.58 -20.19
N PRO A 126 -14.74 1.39 -20.65
CA PRO A 126 -14.92 0.18 -19.83
C PRO A 126 -14.09 0.15 -18.56
N MET A 127 -12.79 0.49 -18.66
CA MET A 127 -11.94 0.54 -17.46
C MET A 127 -12.57 1.37 -16.37
N VAL A 128 -13.12 2.53 -16.74
CA VAL A 128 -13.71 3.44 -15.76
C VAL A 128 -14.91 2.79 -15.09
N THR A 129 -15.82 2.25 -15.89
CA THR A 129 -17.04 1.66 -15.35
C THR A 129 -16.75 0.45 -14.47
N GLN A 130 -15.88 -0.46 -14.95
CA GLN A 130 -15.60 -1.68 -14.19
C GLN A 130 -15.06 -1.38 -12.81
N MET A 131 -14.29 -0.30 -12.65
CA MET A 131 -13.69 0.00 -11.36
C MET A 131 -14.74 0.25 -10.29
N ALA A 132 -15.97 0.55 -10.67
CA ALA A 132 -17.03 0.85 -9.72
C ALA A 132 -17.81 -0.38 -9.28
N MET A 133 -17.22 -1.58 -9.40
CA MET A 133 -17.93 -2.83 -9.16
C MET A 133 -17.05 -3.74 -8.27
N THR A 134 -16.89 -3.32 -7.03
CA THR A 134 -16.31 -4.10 -5.95
C THR A 134 -17.40 -4.89 -5.24
N ASP A 135 -17.05 -6.08 -4.75
CA ASP A 135 -18.01 -6.97 -4.09
C ASP A 135 -17.47 -7.35 -2.71
N THR A 136 -18.03 -6.75 -1.66
CA THR A 136 -17.73 -7.12 -0.28
C THR A 136 -18.82 -7.96 0.37
N THR A 137 -19.80 -8.44 -0.41
CA THR A 137 -20.76 -9.40 0.11
C THR A 137 -20.04 -10.71 0.40
N PRO A 138 -20.64 -11.60 1.23
CA PRO A 138 -20.06 -12.94 1.40
C PRO A 138 -19.70 -13.60 0.08
N PHE A 139 -20.57 -13.45 -0.92
CA PHE A 139 -20.28 -13.93 -2.27
C PHE A 139 -18.97 -13.35 -2.78
N GLY A 140 -18.76 -12.04 -2.61
CA GLY A 140 -17.52 -11.43 -3.07
C GLY A 140 -16.31 -11.87 -2.27
N GLN A 141 -16.43 -11.89 -0.94
CA GLN A 141 -15.34 -12.37 -0.08
C GLN A 141 -14.92 -13.79 -0.46
N GLN A 142 -15.89 -14.69 -0.68
CA GLN A 142 -15.52 -16.07 -0.98
C GLN A 142 -14.90 -16.18 -2.37
N ARG A 143 -15.30 -15.31 -3.30
CA ARG A 143 -14.70 -15.33 -4.62
C ARG A 143 -13.22 -14.97 -4.55
N VAL A 144 -12.90 -13.89 -3.83
CA VAL A 144 -11.50 -13.50 -3.75
C VAL A 144 -10.73 -14.48 -2.89
N PHE A 145 -11.36 -15.05 -1.86
CA PHE A 145 -10.66 -16.01 -1.02
C PHE A 145 -10.21 -17.21 -1.83
N LYS A 146 -11.13 -17.80 -2.60
CA LYS A 146 -10.78 -19.00 -3.35
C LYS A 146 -9.65 -18.74 -4.34
N GLU A 147 -9.71 -17.60 -5.03
CA GLU A 147 -8.76 -17.31 -6.10
C GLU A 147 -7.40 -16.81 -5.59
N LYS A 148 -7.35 -16.05 -4.50
CA LYS A 148 -6.13 -15.39 -4.06
C LYS A 148 -5.58 -15.92 -2.74
N VAL A 149 -6.41 -16.08 -1.72
CA VAL A 149 -5.89 -16.26 -0.36
C VAL A 149 -5.67 -17.72 0.01
N ASP A 150 -6.43 -18.65 -0.58
CA ASP A 150 -6.36 -20.06 -0.20
C ASP A 150 -5.27 -20.79 -0.99
N THR A 151 -4.05 -20.34 -0.79
CA THR A 151 -2.90 -20.90 -1.46
C THR A 151 -1.93 -21.43 -0.41
N ARG A 152 -1.05 -22.35 -0.82
CA ARG A 152 0.03 -22.78 0.06
C ARG A 152 1.36 -22.40 -0.58
N THR A 153 2.30 -21.97 0.24
CA THR A 153 3.67 -21.75 -0.20
C THR A 153 4.57 -22.77 0.48
N GLN A 154 5.38 -23.45 -0.32
CA GLN A 154 6.34 -24.41 0.21
C GLN A 154 7.32 -23.71 1.15
N GLU A 155 7.82 -24.46 2.11
CA GLU A 155 8.86 -23.94 2.99
C GLU A 155 10.17 -23.84 2.22
N PRO A 156 10.90 -22.73 2.35
CA PRO A 156 12.20 -22.63 1.71
C PRO A 156 13.15 -23.73 2.18
N LYS A 157 14.09 -24.07 1.30
CA LYS A 157 15.10 -25.08 1.60
C LYS A 157 16.06 -24.59 2.68
N GLU A 158 16.93 -25.49 3.12
CA GLU A 158 17.83 -25.18 4.22
C GLU A 158 18.77 -24.04 3.86
N GLY A 159 19.34 -24.07 2.66
CA GLY A 159 20.26 -23.02 2.25
C GLY A 159 19.59 -21.66 2.20
N THR A 160 18.43 -21.61 1.56
CA THR A 160 17.64 -20.39 1.48
C THR A 160 17.37 -19.80 2.87
N LYS A 161 16.95 -20.65 3.80
CA LYS A 161 16.69 -20.17 5.16
C LYS A 161 17.94 -19.56 5.77
N LYS A 162 19.12 -20.11 5.46
CA LYS A 162 20.34 -19.57 6.04
C LYS A 162 20.67 -18.20 5.46
N LEU A 163 20.55 -18.07 4.14
CA LEU A 163 20.70 -16.76 3.48
C LEU A 163 19.77 -15.74 4.10
N MET A 164 18.49 -16.09 4.24
CA MET A 164 17.50 -15.14 4.76
C MET A 164 17.85 -14.72 6.18
N LYS A 165 18.26 -15.69 7.02
CA LYS A 165 18.59 -15.39 8.41
C LYS A 165 19.82 -14.48 8.53
N ILE A 166 20.90 -14.82 7.81
CA ILE A 166 22.07 -13.96 7.80
C ILE A 166 21.70 -12.56 7.28
N THR A 167 21.05 -12.50 6.12
CA THR A 167 20.72 -11.20 5.51
C THR A 167 19.79 -10.39 6.40
N ALA A 168 18.78 -11.04 7.00
CA ALA A 168 17.86 -10.31 7.87
C ALA A 168 18.57 -9.76 9.10
N GLU A 169 19.42 -10.56 9.72
CA GLU A 169 20.19 -10.10 10.88
C GLU A 169 21.06 -8.89 10.52
N TRP A 170 21.73 -8.96 9.37
CA TRP A 170 22.53 -7.83 8.89
C TRP A 170 21.67 -6.60 8.65
N LEU A 171 20.51 -6.77 8.00
CA LEU A 171 19.67 -5.63 7.65
C LEU A 171 19.12 -4.93 8.89
N TRP A 172 18.60 -5.70 9.86
CA TRP A 172 18.14 -5.06 11.10
C TRP A 172 19.27 -4.26 11.74
N LYS A 173 20.50 -4.79 11.67
CA LYS A 173 21.63 -4.10 12.29
C LYS A 173 21.93 -2.78 11.57
N GLU A 174 21.89 -2.77 10.23
CA GLU A 174 22.05 -1.53 9.47
C GLU A 174 20.91 -0.55 9.74
N LEU A 175 19.66 -1.03 9.80
CA LEU A 175 18.57 -0.09 10.03
C LEU A 175 18.63 0.50 11.43
N GLY A 176 19.14 -0.27 12.40
CA GLY A 176 19.29 0.15 13.78
C GLY A 176 20.54 0.96 14.11
N LYS A 177 21.43 1.22 13.14
CA LYS A 177 22.67 1.95 13.45
C LYS A 177 22.38 3.34 14.01
N LYS A 178 21.48 4.08 13.36
CA LYS A 178 21.16 5.45 13.73
C LYS A 178 19.78 5.62 14.35
N LYS A 179 19.09 4.53 14.69
CA LYS A 179 17.75 4.59 15.27
C LYS A 179 17.67 3.65 16.45
N THR A 180 16.78 3.96 17.37
CA THR A 180 16.57 3.10 18.53
C THR A 180 15.10 2.81 18.66
N PRO A 181 14.69 1.54 18.70
CA PRO A 181 13.26 1.24 18.83
C PRO A 181 12.71 1.83 20.11
N ARG A 182 11.41 2.12 20.09
CA ARG A 182 10.71 2.62 21.26
C ARG A 182 9.23 2.26 21.15
N MET A 183 8.56 2.21 22.30
CA MET A 183 7.11 2.06 22.31
C MET A 183 6.44 3.37 21.93
N CYS A 184 5.41 3.28 21.09
CA CYS A 184 4.55 4.45 20.85
C CYS A 184 3.41 4.46 21.86
N THR A 185 2.88 5.65 22.07
CA THR A 185 2.02 5.94 23.21
C THR A 185 0.55 5.99 22.80
N ARG A 186 -0.31 5.89 23.82
CA ARG A 186 -1.73 6.09 23.61
C ARG A 186 -2.01 7.49 23.09
N GLU A 187 -1.15 8.45 23.43
CA GLU A 187 -1.34 9.82 22.99
C GLU A 187 -0.95 10.00 21.54
N GLU A 188 0.19 9.42 21.13
CA GLU A 188 0.51 9.32 19.72
C GLU A 188 -0.62 8.67 18.93
N PHE A 189 -1.13 7.53 19.43
CA PHE A 189 -2.20 6.83 18.74
C PHE A 189 -3.44 7.70 18.59
N THR A 190 -3.84 8.36 19.69
CA THR A 190 -5.06 9.15 19.69
C THR A 190 -4.97 10.34 18.74
N ARG A 191 -3.80 10.98 18.66
CA ARG A 191 -3.61 12.06 17.71
C ARG A 191 -3.77 11.58 16.27
N LYS A 192 -3.22 10.42 15.95
CA LYS A 192 -3.39 9.89 14.60
C LYS A 192 -4.84 9.51 14.32
N VAL A 193 -5.58 9.09 15.34
CA VAL A 193 -7.00 8.74 15.13
C VAL A 193 -7.80 9.95 14.68
N ARG A 194 -7.40 11.16 15.10
CA ARG A 194 -8.03 12.40 14.67
C ARG A 194 -7.53 12.84 13.29
N SER A 195 -7.70 11.96 12.30
CA SER A 195 -7.26 12.17 10.90
C SER A 195 -7.49 10.90 10.07
N ASN A 196 -6.80 10.78 8.95
CA ASN A 196 -6.75 9.50 8.26
C ASN A 196 -6.18 8.45 9.21
N ALA A 197 -6.79 7.27 9.22
CA ALA A 197 -6.38 6.22 10.15
C ALA A 197 -6.18 4.90 9.41
N ALA A 198 -5.37 4.04 10.05
CA ALA A 198 -5.30 2.64 9.69
C ALA A 198 -6.64 1.97 9.99
N LEU A 199 -6.95 0.91 9.25
CA LEU A 199 -8.34 0.47 9.13
C LEU A 199 -8.63 -0.67 10.11
N GLY A 200 -9.49 -0.40 11.08
CA GLY A 200 -9.99 -1.41 11.98
C GLY A 200 -11.49 -1.52 11.88
N ALA A 201 -12.01 -2.70 12.22
CA ALA A 201 -13.45 -2.95 12.18
C ALA A 201 -14.09 -2.38 13.42
N ILE A 202 -15.17 -1.61 13.23
CA ILE A 202 -15.90 -1.06 14.36
C ILE A 202 -17.40 -1.34 14.20
N LYS A 208 -20.18 -1.54 22.29
CA LYS A 208 -19.38 -1.37 21.10
C LYS A 208 -19.72 -0.06 20.39
N TRP A 209 -18.70 0.78 20.20
CA TRP A 209 -18.84 2.14 19.68
C TRP A 209 -19.12 2.17 18.19
N LYS A 210 -18.96 3.36 17.60
CA LYS A 210 -19.32 3.60 16.21
C LYS A 210 -18.12 4.08 15.40
N SER A 211 -17.30 4.97 15.95
CA SER A 211 -16.12 5.50 15.28
C SER A 211 -14.88 5.25 16.13
N ALA A 212 -13.72 5.30 15.48
CA ALA A 212 -12.46 5.24 16.21
C ALA A 212 -12.29 6.43 17.15
N ARG A 213 -12.69 7.62 16.69
CA ARG A 213 -12.63 8.81 17.53
C ARG A 213 -13.53 8.69 18.76
N GLU A 214 -14.58 7.86 18.69
CA GLU A 214 -15.39 7.60 19.88
C GLU A 214 -14.63 6.73 20.86
N ALA A 215 -14.06 5.63 20.37
CA ALA A 215 -13.37 4.68 21.24
C ALA A 215 -12.22 5.35 21.99
N VAL A 216 -11.47 6.23 21.32
CA VAL A 216 -10.29 6.78 21.98
C VAL A 216 -10.64 7.61 23.18
N GLU A 217 -11.85 8.16 23.26
CA GLU A 217 -12.20 8.99 24.40
C GLU A 217 -12.87 8.18 25.51
N ASP A 218 -13.72 7.22 25.16
CA ASP A 218 -14.27 6.32 26.15
C ASP A 218 -13.14 5.57 26.83
N SER A 219 -12.98 5.79 28.14
CA SER A 219 -11.90 5.15 28.86
C SER A 219 -12.17 3.67 29.12
N ARG A 220 -13.40 3.21 28.89
CA ARG A 220 -13.65 1.77 28.92
C ARG A 220 -12.94 1.08 27.76
N PHE A 221 -12.84 1.76 26.61
CA PHE A 221 -12.05 1.22 25.51
C PHE A 221 -10.63 0.92 25.96
N TRP A 222 -10.05 1.80 26.78
CA TRP A 222 -8.68 1.61 27.22
C TRP A 222 -8.55 0.59 28.33
N GLU A 223 -9.63 0.31 29.07
CA GLU A 223 -9.60 -0.82 29.99
C GLU A 223 -9.56 -2.14 29.23
N LEU A 224 -10.33 -2.25 28.15
CA LEU A 224 -10.23 -3.42 27.27
C LEU A 224 -8.82 -3.58 26.70
N VAL A 225 -8.22 -2.47 26.26
CA VAL A 225 -6.84 -2.51 25.78
C VAL A 225 -5.93 -3.08 26.86
N ASP A 226 -6.06 -2.57 28.08
CA ASP A 226 -5.22 -3.04 29.18
C ASP A 226 -5.45 -4.52 29.44
N LYS A 227 -6.70 -4.96 29.30
CA LYS A 227 -6.98 -6.37 29.51
C LYS A 227 -6.23 -7.22 28.50
N GLU A 228 -6.36 -6.89 27.21
CA GLU A 228 -5.62 -7.62 26.19
C GLU A 228 -4.12 -7.43 26.37
N ARG A 229 -3.70 -6.21 26.71
CA ARG A 229 -2.27 -5.95 26.85
C ARG A 229 -1.66 -6.82 27.94
N ASN A 230 -2.35 -6.97 29.07
CA ASN A 230 -1.79 -7.78 30.15
C ASN A 230 -1.75 -9.25 29.75
N LEU A 231 -2.73 -9.72 28.97
CA LEU A 231 -2.62 -11.05 28.39
C LEU A 231 -1.41 -11.14 27.48
N HIS A 232 -1.22 -10.13 26.63
CA HIS A 232 -0.02 -10.13 25.82
C HIS A 232 1.22 -10.21 26.69
N LEU A 233 1.23 -9.45 27.79
CA LEU A 233 2.39 -9.44 28.66
C LEU A 233 2.62 -10.77 29.38
N GLU A 234 1.65 -11.69 29.35
CA GLU A 234 1.93 -13.04 29.82
C GLU A 234 1.90 -14.05 28.68
N GLY A 235 2.01 -13.58 27.44
CA GLY A 235 2.15 -14.49 26.31
C GLY A 235 0.86 -15.10 25.82
N LYS A 236 -0.28 -14.51 26.16
CA LYS A 236 -1.58 -15.03 25.81
C LYS A 236 -2.31 -14.00 24.96
N CYS A 237 -3.22 -14.47 24.12
CA CYS A 237 -4.00 -13.56 23.29
C CYS A 237 -5.45 -14.00 23.30
N GLU A 238 -6.35 -13.03 23.26
CA GLU A 238 -7.76 -13.39 23.37
C GLU A 238 -8.62 -12.65 22.35
N THR A 239 -8.29 -11.43 21.99
CA THR A 239 -9.20 -10.66 21.15
C THR A 239 -8.61 -10.22 19.81
N CYS A 240 -7.35 -10.51 19.51
CA CYS A 240 -6.75 -10.01 18.28
C CYS A 240 -7.09 -10.95 17.12
N VAL A 241 -8.24 -10.68 16.50
CA VAL A 241 -8.83 -11.52 15.46
C VAL A 241 -8.93 -10.68 14.19
N TYR A 242 -8.49 -11.25 13.07
CA TYR A 242 -8.66 -10.55 11.80
C TYR A 242 -10.05 -10.79 11.23
N ASN A 243 -10.55 -9.80 10.48
CA ASN A 243 -11.83 -9.93 9.79
C ASN A 243 -11.64 -9.59 8.33
N MET A 244 -11.92 -10.53 7.45
CA MET A 244 -11.88 -10.29 6.02
C MET A 244 -13.23 -9.70 5.59
N MET A 245 -13.32 -8.37 5.66
CA MET A 245 -14.56 -7.65 5.31
C MET A 245 -14.25 -6.72 4.14
N ALA A 263 -8.32 -8.33 -1.11
CA ALA A 263 -8.77 -8.74 0.22
C ALA A 263 -8.16 -7.90 1.34
N ILE A 264 -8.96 -7.31 2.22
CA ILE A 264 -8.46 -6.49 3.32
C ILE A 264 -8.88 -7.09 4.66
N TRP A 265 -7.96 -7.10 5.62
CA TRP A 265 -8.20 -7.69 6.93
C TRP A 265 -8.28 -6.60 7.99
N TYR A 266 -9.38 -6.57 8.73
CA TYR A 266 -9.60 -5.61 9.78
C TYR A 266 -9.41 -6.27 11.14
N MET A 267 -9.01 -5.46 12.12
CA MET A 267 -8.97 -5.85 13.51
C MET A 267 -9.68 -4.82 14.36
N TRP A 268 -10.13 -5.26 15.52
CA TRP A 268 -10.65 -4.35 16.51
C TRP A 268 -9.61 -3.27 16.81
N LEU A 269 -10.08 -2.03 17.02
CA LEU A 269 -9.18 -0.91 17.24
C LEU A 269 -8.19 -1.18 18.36
N GLY A 270 -8.63 -1.89 19.40
CA GLY A 270 -7.73 -2.19 20.51
C GLY A 270 -6.56 -3.05 20.07
N ALA A 271 -6.81 -4.03 19.20
CA ALA A 271 -5.72 -4.84 18.66
C ALA A 271 -4.80 -3.98 17.80
N ARG A 272 -5.38 -3.06 17.03
CA ARG A 272 -4.55 -2.15 16.25
C ARG A 272 -3.70 -1.29 17.16
N PHE A 273 -4.24 -0.84 18.30
CA PHE A 273 -3.39 -0.05 19.19
C PHE A 273 -2.18 -0.85 19.65
N LEU A 274 -2.41 -2.08 20.12
CA LEU A 274 -1.29 -2.89 20.62
C LEU A 274 -0.24 -3.10 19.53
N GLU A 275 -0.70 -3.34 18.31
CA GLU A 275 0.23 -3.47 17.18
C GLU A 275 1.02 -2.17 16.98
N PHE A 276 0.31 -1.04 17.00
CA PHE A 276 0.94 0.27 16.90
C PHE A 276 1.93 0.51 18.06
N GLU A 277 1.51 0.17 19.28
CA GLU A 277 2.38 0.39 20.43
C GLU A 277 3.67 -0.39 20.30
N ALA A 278 3.58 -1.63 19.82
CA ALA A 278 4.77 -2.45 19.68
C ALA A 278 5.63 -2.03 18.47
N LEU A 279 5.01 -1.76 17.32
CA LEU A 279 5.77 -1.64 16.08
C LEU A 279 5.60 -0.31 15.38
N GLY A 280 4.83 0.63 15.94
CA GLY A 280 4.64 1.92 15.28
C GLY A 280 5.91 2.70 15.08
N PHE A 281 6.94 2.43 15.88
CA PHE A 281 8.17 3.19 15.77
C PHE A 281 8.79 3.07 14.39
N LEU A 282 8.57 1.94 13.70
CA LEU A 282 9.17 1.75 12.38
C LEU A 282 8.69 2.81 11.40
N ASN A 283 7.41 3.18 11.48
CA ASN A 283 6.85 4.27 10.66
C ASN A 283 7.13 5.63 11.28
N GLU A 284 6.88 5.77 12.58
CA GLU A 284 6.91 7.08 13.19
C GLU A 284 8.33 7.62 13.24
N ASP A 285 9.32 6.75 13.45
CA ASP A 285 10.72 7.11 13.40
C ASP A 285 11.36 6.93 12.02
N HIS A 286 10.57 6.56 11.00
CA HIS A 286 11.02 6.60 9.60
C HIS A 286 12.17 5.65 9.31
N TRP A 287 12.06 4.43 9.80
CA TRP A 287 13.15 3.47 9.64
C TRP A 287 13.41 3.13 8.18
N PHE A 288 12.42 3.30 7.31
CA PHE A 288 12.56 2.95 5.90
C PHE A 288 12.61 4.17 5.00
N SER A 289 12.95 5.33 5.54
CA SER A 289 13.28 6.45 4.69
C SER A 289 14.53 6.12 3.90
N ARG A 290 14.72 6.84 2.79
CA ARG A 290 15.86 6.55 1.94
C ARG A 290 17.16 6.80 2.68
N GLU A 291 17.19 7.79 3.56
CA GLU A 291 18.43 8.07 4.26
C GLU A 291 18.82 6.93 5.20
N ASN A 292 17.84 6.35 5.90
CA ASN A 292 18.14 5.31 6.86
C ASN A 292 18.25 3.93 6.25
N SER A 293 17.52 3.64 5.16
CA SER A 293 17.52 2.30 4.61
C SER A 293 18.18 2.20 3.25
N LEU A 294 18.49 3.33 2.60
CA LEU A 294 19.13 3.38 1.30
C LEU A 294 18.21 2.84 0.19
N SER A 295 17.57 1.68 0.40
CA SER A 295 16.64 1.16 -0.59
C SER A 295 15.24 1.77 -0.49
N GLY A 296 14.84 2.22 0.69
CA GLY A 296 13.44 2.55 0.88
C GLY A 296 13.10 3.97 0.45
N VAL A 297 11.81 4.28 0.48
CA VAL A 297 11.35 5.58 0.04
C VAL A 297 10.22 6.09 0.92
N GLU A 298 10.15 5.61 2.17
CA GLU A 298 9.15 6.11 3.10
C GLU A 298 9.24 7.62 3.21
N GLY A 299 8.11 8.28 3.10
CA GLY A 299 8.09 9.71 3.21
C GLY A 299 8.34 10.45 1.93
N GLU A 300 8.64 9.77 0.83
CA GLU A 300 9.06 10.51 -0.34
C GLU A 300 7.92 11.23 -1.03
N GLY A 301 6.95 10.51 -1.55
CA GLY A 301 5.99 11.37 -2.23
C GLY A 301 6.13 11.22 -3.73
N LEU A 302 5.00 11.06 -4.40
CA LEU A 302 5.00 10.68 -5.81
C LEU A 302 5.91 11.56 -6.64
N HIS A 303 5.89 12.88 -6.40
CA HIS A 303 6.69 13.81 -7.20
C HIS A 303 8.19 13.64 -6.99
N LYS A 304 8.62 12.81 -6.05
CA LYS A 304 10.04 12.58 -5.85
C LYS A 304 10.50 11.25 -6.41
N LEU A 305 9.57 10.34 -6.68
CA LEU A 305 9.97 8.98 -7.01
C LEU A 305 10.70 8.93 -8.34
N GLY A 306 10.25 9.70 -9.33
CA GLY A 306 10.90 9.67 -10.63
C GLY A 306 12.33 10.15 -10.54
N TYR A 307 12.55 11.20 -9.74
CA TYR A 307 13.91 11.66 -9.53
C TYR A 307 14.74 10.57 -8.91
N ILE A 308 14.17 9.85 -7.94
CA ILE A 308 14.90 8.78 -7.26
C ILE A 308 15.25 7.67 -8.25
N LEU A 309 14.33 7.34 -9.16
CA LEU A 309 14.63 6.36 -10.20
C LEU A 309 15.76 6.82 -11.10
N ARG A 310 15.70 8.09 -11.53
CA ARG A 310 16.72 8.60 -12.45
C ARG A 310 18.10 8.58 -11.81
N ASP A 311 18.18 8.92 -10.51
CA ASP A 311 19.43 8.80 -9.78
C ASP A 311 19.91 7.35 -9.73
N VAL A 312 19.00 6.39 -9.50
CA VAL A 312 19.44 5.00 -9.46
C VAL A 312 20.00 4.61 -10.82
N SER A 313 19.41 5.13 -11.89
CA SER A 313 19.86 4.79 -13.22
C SER A 313 21.28 5.30 -13.49
N LYS A 314 21.75 6.28 -12.72
CA LYS A 314 23.13 6.74 -12.89
C LYS A 314 24.14 5.73 -12.38
N LYS A 315 23.71 4.71 -11.65
CA LYS A 315 24.63 3.68 -11.22
C LYS A 315 25.25 3.00 -12.43
N GLU A 316 26.46 2.50 -12.24
CA GLU A 316 27.04 1.60 -13.23
C GLU A 316 26.43 0.22 -13.03
N GLY A 317 25.93 -0.39 -14.10
CA GLY A 317 25.41 -1.74 -13.94
C GLY A 317 24.62 -2.18 -15.15
N GLY A 318 23.77 -3.18 -14.92
CA GLY A 318 22.98 -3.77 -15.99
C GLY A 318 21.73 -2.98 -16.27
N ALA A 319 20.76 -3.64 -16.87
CA ALA A 319 19.45 -3.06 -17.03
C ALA A 319 18.81 -2.81 -15.66
N MET A 320 17.72 -2.06 -15.67
CA MET A 320 16.91 -1.88 -14.47
C MET A 320 15.77 -2.87 -14.50
N TYR A 321 15.58 -3.57 -13.39
CA TYR A 321 14.56 -4.59 -13.26
C TYR A 321 13.52 -4.16 -12.22
N ALA A 322 12.25 -4.49 -12.48
CA ALA A 322 11.09 -4.12 -11.67
C ALA A 322 10.05 -5.23 -11.79
N ASP A 323 10.36 -6.39 -11.22
CA ASP A 323 9.46 -7.53 -11.30
C ASP A 323 8.40 -7.42 -10.22
N ASP A 324 7.14 -7.56 -10.59
CA ASP A 324 6.10 -7.69 -9.60
C ASP A 324 5.99 -9.12 -9.11
N THR A 325 5.74 -9.27 -7.81
CA THR A 325 5.43 -10.55 -7.23
C THR A 325 3.93 -10.78 -7.33
N ALA A 326 3.55 -12.01 -7.72
CA ALA A 326 2.15 -12.42 -7.75
C ALA A 326 1.59 -12.56 -6.33
N GLY A 327 0.67 -11.69 -5.94
CA GLY A 327 0.05 -11.80 -4.62
C GLY A 327 1.05 -11.85 -3.46
N TRP A 328 1.81 -10.76 -3.27
CA TRP A 328 2.93 -10.76 -2.33
C TRP A 328 2.50 -11.13 -0.91
N ASP A 329 1.38 -10.59 -0.44
CA ASP A 329 0.96 -10.85 0.94
C ASP A 329 0.73 -12.33 1.18
N THR A 330 0.15 -13.04 0.21
CA THR A 330 -0.05 -14.46 0.39
C THR A 330 1.26 -15.25 0.33
N ARG A 331 2.36 -14.66 -0.15
CA ARG A 331 3.63 -15.37 -0.28
C ARG A 331 4.58 -15.07 0.86
N ILE A 332 4.13 -14.32 1.86
CA ILE A 332 4.94 -14.15 3.06
C ILE A 332 4.94 -15.48 3.82
N THR A 333 6.13 -16.03 4.05
CA THR A 333 6.27 -17.32 4.71
C THR A 333 6.43 -17.14 6.22
N LEU A 334 6.23 -18.24 6.95
CA LEU A 334 6.57 -18.25 8.38
C LEU A 334 8.02 -17.84 8.58
N GLU A 335 8.90 -18.33 7.73
CA GLU A 335 10.30 -17.93 7.78
C GLU A 335 10.44 -16.42 7.64
N ASP A 336 9.76 -15.82 6.65
CA ASP A 336 9.75 -14.35 6.53
C ASP A 336 9.35 -13.71 7.86
N LEU A 337 8.27 -14.20 8.45
CA LEU A 337 7.75 -13.61 9.67
C LEU A 337 8.74 -13.73 10.81
N LYS A 338 9.46 -14.85 10.86
CA LYS A 338 10.47 -15.02 11.91
C LYS A 338 11.66 -14.11 11.68
N ASN A 339 11.97 -13.79 10.41
CA ASN A 339 13.08 -12.89 10.14
C ASN A 339 12.73 -11.44 10.46
N GLU A 340 11.51 -11.03 10.11
CA GLU A 340 11.05 -9.70 10.49
C GLU A 340 11.05 -9.55 12.00
N GLU A 341 10.72 -10.62 12.72
CA GLU A 341 10.65 -10.55 14.18
C GLU A 341 12.02 -10.26 14.81
N MET A 342 13.11 -10.52 14.09
CA MET A 342 14.45 -10.28 14.67
C MET A 342 14.67 -8.82 15.04
N VAL A 343 13.81 -7.91 14.59
CA VAL A 343 13.86 -6.54 15.09
C VAL A 343 13.70 -6.50 16.62
N THR A 344 13.09 -7.51 17.23
CA THR A 344 12.94 -7.51 18.69
C THR A 344 14.27 -7.70 19.40
N ASN A 345 15.25 -8.36 18.77
CA ASN A 345 16.60 -8.42 19.32
C ASN A 345 17.16 -7.04 19.60
N HIS A 346 16.59 -6.00 18.99
CA HIS A 346 17.05 -4.64 19.14
C HIS A 346 16.22 -3.88 20.16
N MET A 347 15.37 -4.57 20.90
CA MET A 347 14.51 -3.94 21.89
C MET A 347 14.90 -4.45 23.27
N GLU A 348 14.18 -3.97 24.27
CA GLU A 348 14.44 -4.36 25.64
C GLU A 348 13.19 -4.11 26.48
N GLY A 349 13.14 -4.77 27.63
CA GLY A 349 12.10 -4.47 28.60
C GLY A 349 10.76 -5.04 28.18
N GLU A 350 9.70 -4.33 28.56
CA GLU A 350 8.37 -4.80 28.20
C GLU A 350 8.04 -4.50 26.75
N HIS A 351 8.66 -3.46 26.16
CA HIS A 351 8.54 -3.23 24.74
C HIS A 351 8.91 -4.47 23.95
N LYS A 352 10.03 -5.09 24.29
CA LYS A 352 10.40 -6.33 23.61
C LYS A 352 9.33 -7.39 23.79
N LYS A 353 8.80 -7.50 25.01
CA LYS A 353 7.81 -8.54 25.31
C LYS A 353 6.50 -8.29 24.56
N LEU A 354 6.04 -7.04 24.53
CA LEU A 354 4.84 -6.70 23.77
C LEU A 354 5.03 -6.98 22.28
N ALA A 355 6.14 -6.53 21.71
CA ALA A 355 6.39 -6.77 20.29
C ALA A 355 6.50 -8.24 19.99
N GLU A 356 7.16 -8.99 20.89
CA GLU A 356 7.20 -10.44 20.73
C GLU A 356 5.79 -11.03 20.71
N ALA A 357 4.88 -10.45 21.50
CA ALA A 357 3.50 -10.94 21.48
C ALA A 357 2.85 -10.68 20.12
N ILE A 358 3.01 -9.47 19.59
CA ILE A 358 2.45 -9.17 18.27
C ILE A 358 2.97 -10.16 17.25
N PHE A 359 4.26 -10.47 17.29
CA PHE A 359 4.85 -11.33 16.29
C PHE A 359 4.37 -12.77 16.44
N LYS A 360 4.44 -13.32 17.65
CA LYS A 360 4.13 -14.75 17.80
C LYS A 360 2.63 -15.01 17.88
N LEU A 361 1.88 -14.14 18.56
CA LEU A 361 0.47 -14.38 18.80
C LEU A 361 -0.43 -13.86 17.69
N THR A 362 -0.13 -12.70 17.10
CA THR A 362 -1.04 -12.18 16.10
C THR A 362 -0.53 -12.33 14.67
N TYR A 363 0.79 -12.41 14.46
CA TYR A 363 1.27 -12.55 13.09
C TYR A 363 1.52 -14.00 12.68
N GLN A 364 2.20 -14.77 13.53
CA GLN A 364 2.58 -16.12 13.14
C GLN A 364 1.55 -17.15 13.56
N ASN A 365 0.43 -16.71 14.13
CA ASN A 365 -0.66 -17.56 14.58
C ASN A 365 -1.90 -16.68 14.52
N LYS A 366 -2.51 -16.60 13.35
CA LYS A 366 -3.63 -15.68 13.23
C LYS A 366 -4.95 -16.46 13.23
N VAL A 367 -5.99 -15.77 13.68
CA VAL A 367 -7.36 -16.27 13.63
C VAL A 367 -8.15 -15.29 12.78
N VAL A 368 -8.85 -15.80 11.77
CA VAL A 368 -9.51 -14.96 10.79
C VAL A 368 -10.97 -15.33 10.72
N ARG A 369 -11.82 -14.31 10.67
CA ARG A 369 -13.25 -14.42 10.40
C ARG A 369 -13.54 -14.07 8.95
N VAL A 370 -14.27 -14.93 8.25
CA VAL A 370 -14.73 -14.67 6.89
C VAL A 370 -16.19 -15.07 6.79
N GLN A 371 -16.94 -14.33 5.98
CA GLN A 371 -18.32 -14.71 5.73
C GLN A 371 -18.41 -15.62 4.51
N ARG A 372 -19.46 -16.41 4.47
CA ARG A 372 -19.60 -17.36 3.40
C ARG A 372 -21.10 -17.51 3.18
N PRO A 373 -21.55 -17.47 1.92
CA PRO A 373 -22.96 -17.77 1.65
C PRO A 373 -23.19 -19.28 1.66
N THR A 374 -24.20 -19.70 2.39
CA THR A 374 -24.66 -21.09 2.34
C THR A 374 -26.13 -21.07 1.99
N PRO A 375 -26.67 -22.19 1.44
CA PRO A 375 -28.10 -22.24 1.10
C PRO A 375 -29.02 -21.84 2.25
N ARG A 376 -28.48 -21.84 3.47
CA ARG A 376 -29.22 -21.54 4.69
C ARG A 376 -28.96 -20.13 5.23
N GLY A 377 -28.43 -19.23 4.42
CA GLY A 377 -28.08 -17.90 4.89
C GLY A 377 -26.59 -17.78 5.07
N THR A 378 -26.14 -16.58 5.44
CA THR A 378 -24.72 -16.34 5.54
C THR A 378 -24.19 -16.81 6.89
N VAL A 379 -23.07 -17.51 6.88
CA VAL A 379 -22.38 -17.88 8.11
C VAL A 379 -21.04 -17.16 8.17
N MET A 380 -20.50 -17.09 9.38
CA MET A 380 -19.14 -16.64 9.62
C MET A 380 -18.23 -17.84 9.87
N ASP A 381 -17.16 -17.97 9.09
CA ASP A 381 -16.16 -19.03 9.29
C ASP A 381 -15.00 -18.52 10.14
N ILE A 382 -14.53 -19.37 11.03
CA ILE A 382 -13.35 -19.12 11.85
C ILE A 382 -12.24 -19.99 11.31
N ILE A 383 -11.16 -19.38 10.84
CA ILE A 383 -10.07 -20.10 10.21
C ILE A 383 -8.76 -19.57 10.76
N SER A 384 -7.69 -20.33 10.52
CA SER A 384 -6.40 -19.96 11.05
C SER A 384 -5.32 -20.44 10.08
N ARG A 385 -4.16 -19.82 10.21
CA ARG A 385 -3.03 -20.06 9.35
C ARG A 385 -1.83 -19.36 9.97
N ARG A 386 -0.65 -19.92 9.75
CA ARG A 386 0.54 -19.35 10.37
C ARG A 386 1.29 -18.35 9.48
N ASP A 387 1.31 -18.56 8.16
CA ASP A 387 2.35 -17.90 7.37
C ASP A 387 1.97 -16.56 6.73
N GLN A 388 0.75 -16.35 6.22
CA GLN A 388 0.60 -15.22 5.29
C GLN A 388 0.71 -13.86 6.01
N ARG A 389 0.51 -12.80 5.25
CA ARG A 389 0.36 -11.46 5.82
C ARG A 389 -1.01 -10.90 5.50
N GLY A 390 -1.55 -10.11 6.41
CA GLY A 390 -2.81 -9.48 6.12
C GLY A 390 -2.77 -7.97 6.17
N SER A 391 -3.07 -7.31 5.05
CA SER A 391 -3.24 -5.86 5.03
C SER A 391 -4.30 -5.40 6.04
N VAL A 394 -3.56 0.87 5.77
CA VAL A 394 -3.03 0.45 7.07
C VAL A 394 -1.52 0.17 7.02
N GLY A 395 -1.00 -0.15 5.83
CA GLY A 395 0.39 -0.57 5.69
C GLY A 395 0.75 -1.82 6.48
N THR A 396 2.03 -2.20 6.48
CA THR A 396 2.52 -3.31 7.28
C THR A 396 3.71 -2.91 8.15
N TYR A 397 3.77 -1.61 8.51
CA TYR A 397 4.84 -1.06 9.34
C TYR A 397 6.23 -1.25 8.74
N GLY A 398 6.34 -1.29 7.41
CA GLY A 398 7.63 -1.43 6.78
C GLY A 398 8.13 -2.84 6.66
N LEU A 399 7.40 -3.82 7.20
CA LEU A 399 7.85 -5.21 7.16
C LEU A 399 7.86 -5.78 5.74
N ASN A 400 6.87 -5.41 4.92
CA ASN A 400 6.94 -5.82 3.51
C ASN A 400 8.16 -5.21 2.83
N THR A 401 8.45 -3.94 3.12
CA THR A 401 9.64 -3.31 2.59
C THR A 401 10.89 -4.02 3.08
N PHE A 402 10.94 -4.34 4.37
CA PHE A 402 12.08 -5.05 4.93
C PHE A 402 12.32 -6.34 4.17
N THR A 403 11.27 -7.14 4.04
CA THR A 403 11.42 -8.48 3.49
C THR A 403 11.77 -8.42 2.01
N ASN A 404 11.20 -7.44 1.29
CA ASN A 404 11.55 -7.25 -0.12
C ASN A 404 13.01 -6.81 -0.26
N MET A 405 13.45 -5.86 0.55
CA MET A 405 14.88 -5.53 0.59
C MET A 405 15.73 -6.78 0.78
N GLU A 406 15.38 -7.60 1.77
CA GLU A 406 16.15 -8.80 2.01
C GLU A 406 16.11 -9.71 0.80
N ALA A 407 14.91 -9.90 0.21
CA ALA A 407 14.78 -10.82 -0.91
C ALA A 407 15.59 -10.34 -2.10
N GLN A 408 15.60 -9.03 -2.35
CA GLN A 408 16.31 -8.53 -3.52
C GLN A 408 17.82 -8.51 -3.32
N LEU A 409 18.31 -8.26 -2.09
CA LEU A 409 19.72 -8.47 -1.81
C LEU A 409 20.14 -9.91 -2.10
N ILE A 410 19.30 -10.87 -1.73
CA ILE A 410 19.66 -12.26 -1.94
C ILE A 410 19.67 -12.59 -3.42
N ARG A 411 18.73 -12.00 -4.19
CA ARG A 411 18.78 -12.21 -5.63
C ARG A 411 20.01 -11.54 -6.22
N GLN A 412 20.39 -10.38 -5.71
CA GLN A 412 21.66 -9.78 -6.14
C GLN A 412 22.83 -10.72 -5.84
N MET A 413 22.94 -11.18 -4.59
CA MET A 413 23.95 -12.18 -4.23
C MET A 413 23.98 -13.33 -5.23
N GLU A 414 22.83 -13.94 -5.49
CA GLU A 414 22.78 -15.07 -6.40
C GLU A 414 23.25 -14.67 -7.80
N GLY A 415 22.90 -13.46 -8.24
CA GLY A 415 23.38 -13.00 -9.53
C GLY A 415 24.88 -12.85 -9.57
N GLU A 416 25.48 -12.41 -8.47
CA GLU A 416 26.92 -12.22 -8.39
C GLU A 416 27.64 -13.51 -8.01
N GLY A 417 26.95 -14.65 -7.99
CA GLY A 417 27.61 -15.91 -7.69
C GLY A 417 28.19 -16.02 -6.30
N VAL A 418 27.70 -15.22 -5.36
CA VAL A 418 28.19 -15.29 -3.98
C VAL A 418 27.95 -16.67 -3.39
N PHE A 419 26.86 -17.34 -3.78
CA PHE A 419 26.56 -18.69 -3.33
C PHE A 419 26.14 -19.51 -4.54
N LYS A 420 26.09 -20.83 -4.36
CA LYS A 420 25.80 -21.66 -5.52
C LYS A 420 24.57 -22.54 -5.37
N SER A 421 24.21 -22.90 -4.15
CA SER A 421 23.17 -23.90 -3.95
C SER A 421 22.14 -23.43 -2.93
N ILE A 422 20.90 -23.33 -3.38
CA ILE A 422 19.76 -23.16 -2.49
C ILE A 422 19.65 -24.32 -1.51
N GLN A 423 20.14 -25.51 -1.89
CA GLN A 423 19.93 -26.71 -1.08
C GLN A 423 20.63 -26.62 0.26
N HIS A 424 21.93 -26.30 0.25
CA HIS A 424 22.75 -26.27 1.46
C HIS A 424 23.81 -25.20 1.30
N LEU A 425 23.85 -24.27 2.23
CA LEU A 425 24.93 -23.28 2.28
C LEU A 425 26.14 -23.92 2.95
N THR A 426 27.24 -24.09 2.19
CA THR A 426 28.46 -24.54 2.80
C THR A 426 29.00 -23.49 3.78
N VAL A 427 29.88 -23.95 4.67
CA VAL A 427 30.43 -23.07 5.69
C VAL A 427 31.20 -21.91 5.05
N THR A 428 31.91 -22.20 3.96
CA THR A 428 32.65 -21.15 3.26
C THR A 428 31.72 -20.22 2.50
N GLU A 429 30.56 -20.73 2.08
CA GLU A 429 29.58 -19.88 1.42
C GLU A 429 28.96 -18.92 2.41
N GLU A 430 28.63 -19.40 3.62
CA GLU A 430 28.11 -18.50 4.65
C GLU A 430 29.07 -17.36 4.94
N ILE A 431 30.38 -17.62 4.83
CA ILE A 431 31.36 -16.59 5.10
C ILE A 431 31.43 -15.59 3.96
N ALA A 432 31.30 -16.08 2.71
CA ALA A 432 31.28 -15.18 1.56
C ALA A 432 30.10 -14.21 1.63
N VAL A 433 28.91 -14.74 1.90
CA VAL A 433 27.72 -13.90 2.07
C VAL A 433 27.97 -12.85 3.14
N GLN A 434 28.55 -13.26 4.27
CA GLN A 434 28.85 -12.30 5.33
C GLN A 434 29.84 -11.26 4.85
N ASN A 435 30.85 -11.68 4.08
CA ASN A 435 31.83 -10.74 3.55
C ASN A 435 31.20 -9.80 2.55
N TRP A 436 30.42 -10.35 1.63
CA TRP A 436 29.73 -9.55 0.63
C TRP A 436 28.85 -8.49 1.29
N LEU A 437 28.06 -8.88 2.30
CA LEU A 437 27.23 -7.90 3.00
C LEU A 437 28.09 -6.82 3.65
N ALA A 438 29.23 -7.21 4.21
CA ALA A 438 30.09 -6.23 4.87
C ALA A 438 30.80 -5.36 3.85
N ARG A 439 31.14 -5.93 2.70
CA ARG A 439 31.94 -5.24 1.71
C ARG A 439 31.09 -4.34 0.82
N VAL A 440 30.02 -4.86 0.24
CA VAL A 440 29.22 -4.13 -0.74
C VAL A 440 27.74 -4.01 -0.32
N GLY A 441 27.38 -4.44 0.89
CA GLY A 441 25.98 -4.48 1.27
C GLY A 441 25.27 -3.14 1.12
N ARG A 442 25.85 -2.07 1.67
CA ARG A 442 25.16 -0.79 1.60
C ARG A 442 25.07 -0.27 0.17
N GLU A 443 26.13 -0.50 -0.62
CA GLU A 443 26.12 -0.06 -2.01
C GLU A 443 25.00 -0.75 -2.78
N ARG A 444 24.79 -2.05 -2.50
CA ARG A 444 23.78 -2.80 -3.22
C ARG A 444 22.36 -2.35 -2.83
N LEU A 445 22.17 -1.96 -1.56
CA LEU A 445 20.88 -1.40 -1.17
C LEU A 445 20.57 -0.14 -1.95
N SER A 446 21.56 0.72 -2.14
CA SER A 446 21.30 1.96 -2.86
C SER A 446 21.12 1.75 -4.35
N ARG A 447 21.27 0.51 -4.86
CA ARG A 447 20.88 0.21 -6.23
C ARG A 447 19.41 -0.09 -6.35
N MET A 448 18.65 0.16 -5.29
CA MET A 448 17.27 -0.28 -5.22
C MET A 448 16.37 0.84 -4.76
N ALA A 449 15.13 0.80 -5.23
CA ALA A 449 14.07 1.63 -4.70
C ALA A 449 12.92 0.69 -4.39
N ILE A 450 12.51 0.63 -3.12
CA ILE A 450 11.60 -0.39 -2.65
C ILE A 450 10.52 0.23 -1.76
N SER A 451 9.27 -0.05 -2.11
CA SER A 451 8.09 0.36 -1.36
C SER A 451 7.21 -0.88 -1.20
N GLY A 452 7.24 -1.49 -0.02
CA GLY A 452 6.47 -2.73 0.15
C GLY A 452 6.88 -3.76 -0.89
N ASP A 453 5.91 -4.28 -1.61
CA ASP A 453 6.19 -5.29 -2.64
C ASP A 453 6.64 -4.70 -3.97
N ASP A 454 6.70 -3.38 -4.07
CA ASP A 454 7.09 -2.68 -5.30
C ASP A 454 8.59 -2.41 -5.24
N CYS A 455 9.33 -2.91 -6.22
CA CYS A 455 10.77 -2.73 -6.19
C CYS A 455 11.30 -2.39 -7.58
N VAL A 456 12.38 -1.61 -7.59
CA VAL A 456 13.20 -1.38 -8.77
C VAL A 456 14.63 -1.67 -8.36
N VAL A 457 15.33 -2.46 -9.17
CA VAL A 457 16.71 -2.86 -8.88
C VAL A 457 17.56 -2.61 -10.12
N LYS A 458 18.66 -1.88 -9.96
CA LYS A 458 19.69 -1.81 -10.99
C LYS A 458 20.89 -2.60 -10.52
N PRO A 459 20.99 -3.87 -10.89
CA PRO A 459 22.07 -4.72 -10.38
C PRO A 459 23.41 -4.46 -11.07
N LEU A 460 24.47 -5.03 -10.47
CA LEU A 460 25.83 -4.96 -10.98
C LEU A 460 25.92 -5.26 -12.48
N ASP A 461 25.14 -6.24 -12.94
CA ASP A 461 25.11 -6.62 -14.35
C ASP A 461 23.87 -7.47 -14.54
N ASP A 462 23.70 -8.01 -15.73
CA ASP A 462 22.44 -8.65 -16.07
C ASP A 462 22.37 -10.13 -15.69
N ARG A 463 23.37 -10.67 -14.98
CA ARG A 463 23.19 -12.01 -14.43
C ARG A 463 21.95 -12.08 -13.55
N PHE A 464 21.64 -10.97 -12.86
CA PHE A 464 20.45 -10.82 -12.04
C PHE A 464 19.20 -11.37 -12.74
N ALA A 465 19.09 -11.15 -14.05
CA ALA A 465 17.86 -11.51 -14.76
C ALA A 465 17.55 -12.99 -14.68
N SER A 466 18.56 -13.85 -14.57
CA SER A 466 18.37 -15.29 -14.52
C SER A 466 18.76 -15.90 -13.18
N ALA A 467 19.03 -15.08 -12.18
CA ALA A 467 19.27 -15.58 -10.83
C ALA A 467 17.92 -15.75 -10.16
N LEU A 468 17.34 -16.94 -10.28
CA LEU A 468 15.94 -17.15 -9.92
C LEU A 468 15.68 -18.21 -8.85
N THR A 469 16.68 -19.03 -8.46
CA THR A 469 16.35 -20.17 -7.61
C THR A 469 16.03 -19.75 -6.19
N ALA A 470 16.77 -18.76 -5.67
CA ALA A 470 16.43 -18.23 -4.34
C ALA A 470 15.11 -17.47 -4.36
N LEU A 471 14.89 -16.63 -5.38
CA LEU A 471 13.64 -15.87 -5.44
C LEU A 471 12.44 -16.79 -5.43
N ASN A 472 12.46 -17.82 -6.28
CA ASN A 472 11.36 -18.76 -6.35
C ASN A 472 11.28 -19.60 -5.08
N ASP A 473 12.42 -20.07 -4.58
CA ASP A 473 12.36 -20.90 -3.38
C ASP A 473 11.86 -20.11 -2.18
N MET A 474 12.13 -18.79 -2.14
CA MET A 474 11.58 -17.97 -1.06
C MET A 474 10.07 -17.77 -1.20
N GLY A 475 9.48 -18.18 -2.31
CA GLY A 475 8.07 -18.00 -2.54
C GLY A 475 7.69 -16.73 -3.26
N LYS A 476 8.64 -15.85 -3.54
CA LYS A 476 8.35 -14.57 -4.19
C LYS A 476 8.30 -14.76 -5.72
N VAL A 477 7.32 -15.55 -6.15
CA VAL A 477 7.20 -15.93 -7.56
C VAL A 477 6.76 -14.73 -8.39
N ARG A 478 7.47 -14.51 -9.49
CA ARG A 478 7.24 -13.33 -10.32
C ARG A 478 5.92 -13.45 -11.06
N LYS A 479 5.23 -12.32 -11.19
CA LYS A 479 3.93 -12.32 -11.85
C LYS A 479 4.06 -12.38 -13.38
N ASP A 480 3.14 -13.10 -14.01
CA ASP A 480 2.95 -13.06 -15.47
C ASP A 480 4.22 -13.43 -16.23
N ILE A 481 4.89 -14.49 -15.79
CA ILE A 481 6.08 -14.96 -16.50
C ILE A 481 6.36 -16.38 -16.04
N GLN A 482 6.83 -17.20 -16.98
CA GLN A 482 7.17 -18.57 -16.64
C GLN A 482 8.26 -18.57 -15.57
N GLN A 483 8.21 -19.60 -14.74
CA GLN A 483 8.96 -19.60 -13.49
C GLN A 483 10.46 -19.45 -13.72
N TRP A 484 10.99 -20.08 -14.75
CA TRP A 484 12.43 -20.04 -15.00
C TRP A 484 12.80 -19.16 -16.17
N GLU A 485 11.83 -18.54 -16.83
CA GLU A 485 12.13 -17.56 -17.85
C GLU A 485 12.83 -16.35 -17.23
N PRO A 486 13.92 -15.86 -17.81
CA PRO A 486 14.65 -14.74 -17.17
C PRO A 486 13.86 -13.43 -17.23
N SER A 487 14.12 -12.58 -16.26
CA SER A 487 13.44 -11.30 -16.19
C SER A 487 13.85 -10.41 -17.35
N ARG A 488 12.89 -9.62 -17.84
CA ARG A 488 13.16 -8.57 -18.80
C ARG A 488 13.32 -7.24 -18.07
N GLY A 489 14.42 -6.54 -18.31
CA GLY A 489 14.66 -5.24 -17.75
C GLY A 489 14.52 -4.12 -18.77
N TRP A 490 14.96 -2.92 -18.38
CA TRP A 490 14.87 -1.74 -19.22
C TRP A 490 16.20 -1.00 -19.20
N ASN A 491 16.55 -0.35 -20.33
CA ASN A 491 17.74 0.49 -20.34
C ASN A 491 17.42 1.97 -20.15
N ASP A 492 16.14 2.33 -20.25
CA ASP A 492 15.65 3.69 -20.15
C ASP A 492 14.83 3.76 -18.87
N TRP A 493 15.30 4.55 -17.90
CA TRP A 493 14.58 4.61 -16.64
C TRP A 493 13.17 5.18 -16.78
N THR A 494 12.89 5.89 -17.87
CA THR A 494 11.54 6.40 -18.08
C THR A 494 10.58 5.33 -18.55
N GLN A 495 11.04 4.10 -18.73
CA GLN A 495 10.18 2.98 -19.06
C GLN A 495 9.95 2.04 -17.88
N VAL A 496 10.62 2.26 -16.75
CA VAL A 496 10.51 1.37 -15.61
C VAL A 496 9.21 1.66 -14.87
N PRO A 497 8.37 0.66 -14.62
CA PRO A 497 7.17 0.88 -13.80
C PRO A 497 7.53 0.82 -12.32
N PHE A 498 7.10 1.82 -11.57
CA PHE A 498 7.32 1.80 -10.13
C PHE A 498 6.14 2.47 -9.46
N CYS A 499 5.60 1.83 -8.42
CA CYS A 499 4.45 2.37 -7.69
C CYS A 499 3.33 2.78 -8.63
N SER A 500 3.06 1.91 -9.60
CA SER A 500 1.93 2.05 -10.52
C SER A 500 2.10 3.19 -11.50
N HIS A 501 3.32 3.69 -11.65
CA HIS A 501 3.59 4.84 -12.49
C HIS A 501 4.77 4.56 -13.40
N HIS A 502 4.87 5.36 -14.46
CA HIS A 502 6.13 5.63 -15.13
C HIS A 502 6.44 7.10 -14.95
N PHE A 503 7.70 7.47 -15.16
CA PHE A 503 8.17 8.82 -14.91
C PHE A 503 8.88 9.34 -16.16
N HIS A 504 8.61 10.60 -16.49
CA HIS A 504 9.09 11.22 -17.73
C HIS A 504 9.77 12.54 -17.45
N GLU A 505 10.77 12.88 -18.26
CA GLU A 505 11.28 14.23 -18.23
C GLU A 505 10.34 15.14 -19.02
N LEU A 506 10.16 16.36 -18.52
CA LEU A 506 9.23 17.31 -19.10
C LEU A 506 9.94 18.66 -19.11
N ILE A 507 10.05 19.25 -20.29
CA ILE A 507 10.82 20.49 -20.48
C ILE A 507 9.90 21.67 -20.25
N MET A 508 10.25 22.53 -19.30
CA MET A 508 9.45 23.73 -19.12
C MET A 508 9.76 24.75 -20.23
N LYS A 509 8.88 25.73 -20.38
CA LYS A 509 9.08 26.83 -21.33
C LYS A 509 10.43 27.50 -21.16
N ASP A 510 10.98 27.56 -19.95
CA ASP A 510 12.26 28.19 -19.72
C ASP A 510 13.41 27.22 -19.82
N GLY A 511 13.13 25.97 -20.20
CA GLY A 511 14.18 24.99 -20.40
C GLY A 511 14.52 24.14 -19.20
N ARG A 512 14.11 24.51 -17.99
CA ARG A 512 14.32 23.63 -16.86
C ARG A 512 13.54 22.34 -17.07
N VAL A 513 14.06 21.27 -16.48
CA VAL A 513 13.61 19.91 -16.74
C VAL A 513 12.99 19.34 -15.47
N LEU A 514 11.70 19.03 -15.52
CA LEU A 514 10.99 18.34 -14.46
C LEU A 514 10.96 16.84 -14.76
N VAL A 515 10.92 16.05 -13.70
CA VAL A 515 10.62 14.63 -13.81
C VAL A 515 9.25 14.42 -13.19
N VAL A 516 8.27 14.04 -14.01
CA VAL A 516 6.89 13.98 -13.56
C VAL A 516 6.35 12.55 -13.56
N PRO A 517 5.37 12.25 -12.71
CA PRO A 517 4.76 10.93 -12.70
C PRO A 517 3.67 10.81 -13.73
N CYS A 518 3.46 9.59 -14.20
CA CYS A 518 2.55 9.35 -15.29
C CYS A 518 1.86 8.00 -15.08
N ARG A 519 0.53 7.98 -15.22
CA ARG A 519 -0.15 6.69 -15.26
C ARG A 519 -1.46 6.86 -16.01
N ASN A 520 -2.03 5.74 -16.43
CA ASN A 520 -3.18 5.76 -17.32
C ASN A 520 -4.25 6.71 -16.79
N GLN A 521 -4.65 7.65 -17.64
CA GLN A 521 -5.57 8.67 -17.15
C GLN A 521 -6.99 8.12 -17.00
N ASP A 522 -7.32 7.04 -17.69
CA ASP A 522 -8.63 6.44 -17.48
C ASP A 522 -8.70 5.76 -16.12
N GLU A 523 -7.57 5.24 -15.60
CA GLU A 523 -7.57 4.75 -14.24
C GLU A 523 -7.77 5.88 -13.24
N LEU A 524 -7.06 6.99 -13.44
CA LEU A 524 -7.15 8.11 -12.50
C LEU A 524 -8.57 8.64 -12.45
N ILE A 525 -9.21 8.80 -13.61
CA ILE A 525 -10.59 9.26 -13.65
C ILE A 525 -11.53 8.23 -13.02
N GLY A 526 -11.31 6.94 -13.31
CA GLY A 526 -12.14 5.93 -12.71
C GLY A 526 -12.08 5.94 -11.19
N ARG A 527 -10.87 6.11 -10.64
CA ARG A 527 -10.76 6.16 -9.20
C ARG A 527 -11.37 7.45 -8.63
N ALA A 528 -11.33 8.55 -9.37
CA ALA A 528 -11.97 9.77 -8.86
C ALA A 528 -13.49 9.68 -8.87
N ARG A 529 -14.07 8.84 -9.75
CA ARG A 529 -15.51 8.68 -9.84
C ARG A 529 -16.08 7.74 -8.75
N ILE A 530 -15.24 7.22 -7.87
CA ILE A 530 -15.66 6.34 -6.80
C ILE A 530 -15.63 7.10 -5.49
N SER A 531 -16.78 7.18 -4.82
CA SER A 531 -16.86 7.75 -3.48
C SER A 531 -16.53 6.66 -2.47
N GLN A 532 -15.45 6.86 -1.72
CA GLN A 532 -14.89 5.82 -0.85
C GLN A 532 -15.80 5.48 0.35
N GLY A 533 -16.99 6.06 0.43
CA GLY A 533 -17.92 5.72 1.51
C GLY A 533 -19.34 5.63 0.99
N ALA A 534 -20.16 4.88 1.73
CA ALA A 534 -21.57 4.70 1.43
C ALA A 534 -22.43 5.59 2.32
N GLY A 535 -23.47 6.18 1.73
CA GLY A 535 -24.33 7.09 2.47
C GLY A 535 -23.62 8.38 2.81
N TRP A 536 -23.25 9.15 1.79
CA TRP A 536 -22.52 10.39 1.93
C TRP A 536 -23.36 11.56 1.42
N SER A 537 -23.31 12.69 2.11
CA SER A 537 -24.00 13.85 1.59
C SER A 537 -23.16 14.51 0.51
N LEU A 538 -23.75 15.50 -0.14
CA LEU A 538 -23.11 16.06 -1.32
C LEU A 538 -21.86 16.88 -0.96
N ARG A 539 -21.81 17.48 0.22
CA ARG A 539 -20.63 18.26 0.58
C ARG A 539 -19.39 17.38 0.62
N GLU A 540 -19.45 16.26 1.36
CA GLU A 540 -18.30 15.37 1.44
C GLU A 540 -18.01 14.72 0.10
N THR A 541 -19.04 14.48 -0.71
CA THR A 541 -18.81 13.99 -2.06
C THR A 541 -18.10 15.05 -2.91
N ALA A 542 -18.54 16.30 -2.78
CA ALA A 542 -17.90 17.40 -3.49
C ALA A 542 -16.48 17.62 -2.99
N CYS A 543 -16.26 17.49 -1.68
CA CYS A 543 -14.92 17.70 -1.16
C CYS A 543 -13.97 16.58 -1.54
N LEU A 544 -14.48 15.35 -1.68
CA LEU A 544 -13.64 14.28 -2.17
C LEU A 544 -13.26 14.53 -3.62
N GLY A 545 -14.24 14.95 -4.44
CA GLY A 545 -13.93 15.36 -5.79
C GLY A 545 -12.86 16.43 -5.85
N LYS A 546 -12.98 17.46 -4.99
CA LYS A 546 -11.98 18.52 -5.00
C LYS A 546 -10.62 18.00 -4.61
N SER A 547 -10.59 17.01 -3.73
CA SER A 547 -9.31 16.43 -3.34
C SER A 547 -8.62 15.80 -4.54
N TYR A 548 -9.35 15.03 -5.36
CA TYR A 548 -8.74 14.46 -6.56
C TYR A 548 -8.30 15.55 -7.53
N ALA A 549 -9.13 16.59 -7.71
CA ALA A 549 -8.79 17.67 -8.63
C ALA A 549 -7.46 18.31 -8.26
N GLN A 550 -7.28 18.61 -6.98
CA GLN A 550 -6.06 19.28 -6.54
C GLN A 550 -4.87 18.35 -6.65
N MET A 551 -5.07 17.08 -6.33
CA MET A 551 -4.04 16.09 -6.60
C MET A 551 -3.68 16.04 -8.08
N TRP A 552 -4.69 16.01 -8.96
CA TRP A 552 -4.42 16.02 -10.39
C TRP A 552 -3.63 17.25 -10.79
N SER A 553 -3.98 18.43 -10.25
CA SER A 553 -3.28 19.64 -10.68
C SER A 553 -1.86 19.67 -10.17
N LEU A 554 -1.57 18.95 -9.09
CA LEU A 554 -0.21 18.88 -8.57
C LEU A 554 0.64 17.83 -9.27
N MET A 555 0.06 16.67 -9.54
CA MET A 555 0.81 15.50 -9.94
C MET A 555 0.74 15.24 -11.43
N TYR A 556 -0.42 15.53 -12.05
CA TYR A 556 -0.75 15.19 -13.42
C TYR A 556 -1.16 16.42 -14.21
N PHE A 557 -0.64 17.59 -13.82
CA PHE A 557 -0.95 18.83 -14.52
C PHE A 557 -0.59 18.73 -16.01
N HIS A 558 0.40 17.91 -16.36
CA HIS A 558 0.88 17.71 -17.73
C HIS A 558 -0.07 16.90 -18.60
N ARG A 559 -1.21 16.44 -18.07
CA ARG A 559 -2.23 15.79 -18.86
C ARG A 559 -3.37 16.77 -19.11
N ARG A 560 -3.60 17.09 -20.38
CA ARG A 560 -4.57 18.12 -20.75
C ARG A 560 -5.95 17.81 -20.16
N ASP A 561 -6.41 16.57 -20.33
CA ASP A 561 -7.76 16.22 -19.87
C ASP A 561 -7.88 16.33 -18.36
N LEU A 562 -6.83 15.93 -17.62
CA LEU A 562 -6.93 16.00 -16.17
C LEU A 562 -6.85 17.44 -15.68
N ARG A 563 -5.98 18.25 -16.27
CA ARG A 563 -5.94 19.67 -15.90
C ARG A 563 -7.28 20.33 -16.16
N LEU A 564 -7.90 20.06 -17.30
CA LEU A 564 -9.23 20.61 -17.56
C LEU A 564 -10.26 20.08 -16.57
N ALA A 565 -10.29 18.75 -16.37
CA ALA A 565 -11.23 18.18 -15.42
C ALA A 565 -11.03 18.74 -14.02
N ALA A 566 -9.76 18.88 -13.60
CA ALA A 566 -9.47 19.47 -12.29
C ALA A 566 -10.02 20.90 -12.19
N ASN A 567 -9.80 21.70 -13.24
CA ASN A 567 -10.35 23.05 -13.29
C ASN A 567 -11.85 23.05 -13.10
N ALA A 568 -12.56 22.19 -13.84
CA ALA A 568 -14.02 22.17 -13.73
C ALA A 568 -14.45 21.81 -12.33
N ILE A 569 -13.86 20.75 -11.75
CA ILE A 569 -14.25 20.36 -10.39
C ILE A 569 -13.98 21.49 -9.42
N CYS A 570 -12.82 22.12 -9.53
CA CYS A 570 -12.51 23.22 -8.63
C CYS A 570 -13.43 24.41 -8.84
N SER A 571 -13.81 24.71 -10.09
CA SER A 571 -14.81 25.74 -10.36
C SER A 571 -16.18 25.35 -9.82
N ALA A 572 -16.53 24.07 -9.84
CA ALA A 572 -17.86 23.66 -9.44
C ALA A 572 -18.03 23.54 -7.95
N VAL A 573 -16.94 23.36 -7.21
CA VAL A 573 -17.06 23.17 -5.76
C VAL A 573 -16.74 24.50 -5.11
N PRO A 574 -17.49 24.94 -4.11
CA PRO A 574 -17.21 26.25 -3.49
C PRO A 574 -15.75 26.35 -3.05
N SER A 575 -15.13 27.50 -3.39
CA SER A 575 -13.70 27.65 -3.21
C SER A 575 -13.25 27.47 -1.77
N HIS A 576 -14.11 27.74 -0.80
CA HIS A 576 -13.66 27.62 0.58
C HIS A 576 -13.94 26.25 1.18
N TRP A 577 -14.60 25.36 0.47
CA TRP A 577 -14.79 24.03 1.02
C TRP A 577 -13.46 23.30 1.09
N VAL A 578 -13.24 22.60 2.19
CA VAL A 578 -11.96 21.94 2.45
C VAL A 578 -11.95 20.57 1.76
N PRO A 579 -10.96 20.26 0.94
CA PRO A 579 -10.84 18.88 0.46
C PRO A 579 -10.69 17.91 1.63
N THR A 580 -11.23 16.71 1.43
CA THR A 580 -11.13 15.68 2.47
C THR A 580 -9.68 15.32 2.74
N SER A 581 -9.39 15.01 4.00
CA SER A 581 -8.03 14.69 4.43
C SER A 581 -7.67 13.23 4.15
N HIS A 591 -0.97 15.47 2.89
CA HIS A 591 -0.57 15.59 1.50
C HIS A 591 -0.79 17.02 1.00
N GLU A 592 -0.01 17.40 -0.03
CA GLU A 592 0.08 18.80 -0.38
C GLU A 592 -1.20 19.35 -1.00
N TRP A 593 -2.03 18.49 -1.59
CA TRP A 593 -3.24 18.94 -2.27
C TRP A 593 -4.44 19.06 -1.34
N MET A 594 -4.27 18.91 -0.02
CA MET A 594 -5.41 18.79 0.88
C MET A 594 -5.72 20.07 1.64
N THR A 595 -5.47 21.25 1.06
CA THR A 595 -5.86 22.54 1.65
C THR A 595 -6.59 23.37 0.60
N THR A 596 -7.01 24.58 1.00
CA THR A 596 -7.53 25.56 0.07
C THR A 596 -6.47 26.58 -0.36
N GLU A 597 -5.19 26.27 -0.12
CA GLU A 597 -4.12 27.07 -0.72
C GLU A 597 -4.32 27.17 -2.22
N ASP A 598 -3.91 28.31 -2.77
CA ASP A 598 -3.80 28.44 -4.21
C ASP A 598 -2.94 27.28 -4.75
N MET A 599 -3.49 26.49 -5.68
CA MET A 599 -2.73 25.33 -6.10
C MET A 599 -1.49 25.71 -6.92
N LEU A 600 -1.47 26.89 -7.55
CA LEU A 600 -0.23 27.37 -8.15
C LEU A 600 0.84 27.65 -7.08
N THR A 601 0.44 28.19 -5.95
CA THR A 601 1.37 28.32 -4.84
C THR A 601 1.94 26.97 -4.44
N VAL A 602 1.08 25.94 -4.35
CA VAL A 602 1.58 24.62 -3.94
C VAL A 602 2.47 24.05 -5.02
N TRP A 603 2.08 24.18 -6.30
CA TRP A 603 2.91 23.69 -7.38
C TRP A 603 4.32 24.27 -7.30
N ASN A 604 4.43 25.59 -7.11
CA ASN A 604 5.74 26.22 -7.02
C ASN A 604 6.53 25.69 -5.84
N ARG A 605 5.87 25.46 -4.71
CA ARG A 605 6.58 24.93 -3.54
C ARG A 605 7.07 23.51 -3.78
N VAL A 606 6.22 22.66 -4.36
CA VAL A 606 6.56 21.26 -4.52
C VAL A 606 7.58 21.06 -5.63
N TRP A 607 7.38 21.70 -6.78
CA TRP A 607 8.23 21.42 -7.93
C TRP A 607 9.45 22.35 -8.06
N ILE A 608 9.43 23.54 -7.47
CA ILE A 608 10.56 24.48 -7.58
C ILE A 608 11.24 24.62 -6.23
N GLN A 609 10.58 25.33 -5.30
CA GLN A 609 11.24 25.74 -4.07
C GLN A 609 11.79 24.55 -3.28
N GLU A 610 10.97 23.53 -3.06
CA GLU A 610 11.37 22.41 -2.19
C GLU A 610 11.89 21.22 -2.96
N ASN A 611 12.10 21.37 -4.26
CA ASN A 611 12.51 20.26 -5.12
C ASN A 611 14.03 20.19 -5.11
N PRO A 612 14.63 19.19 -4.44
CA PRO A 612 16.11 19.15 -4.36
C PRO A 612 16.80 19.02 -5.69
N TRP A 613 16.08 18.60 -6.74
CA TRP A 613 16.63 18.40 -8.08
C TRP A 613 16.28 19.54 -9.01
N MET A 614 15.92 20.71 -8.46
CA MET A 614 15.61 21.90 -9.26
C MET A 614 16.51 22.99 -8.71
N GLU A 615 17.58 23.29 -9.46
CA GLU A 615 18.63 24.16 -8.95
C GLU A 615 18.22 25.62 -9.00
N ASP A 616 17.69 26.06 -10.15
CA ASP A 616 17.15 27.40 -10.33
C ASP A 616 15.80 27.51 -9.60
N LYS A 617 15.77 28.29 -8.51
CA LYS A 617 14.56 28.40 -7.70
C LYS A 617 13.56 29.46 -8.20
N THR A 618 13.63 29.87 -9.49
CA THR A 618 12.67 30.85 -10.03
C THR A 618 11.29 30.23 -10.12
N PRO A 619 10.29 30.79 -9.45
CA PRO A 619 8.94 30.26 -9.60
C PRO A 619 8.32 30.62 -10.94
N VAL A 620 7.24 29.89 -11.26
CA VAL A 620 6.40 30.22 -12.42
C VAL A 620 5.25 31.09 -11.93
N GLU A 621 4.73 31.90 -12.82
CA GLU A 621 3.75 32.92 -12.46
C GLU A 621 2.36 32.62 -12.94
N SER A 622 2.14 31.51 -13.64
CA SER A 622 0.79 31.17 -14.09
C SER A 622 0.77 29.72 -14.57
N TRP A 623 -0.45 29.19 -14.72
CA TRP A 623 -0.61 27.84 -15.24
C TRP A 623 -0.28 27.75 -16.73
N GLU A 624 -0.46 28.82 -17.50
CA GLU A 624 -0.02 28.82 -18.88
C GLU A 624 1.48 28.57 -18.99
N GLU A 625 2.25 29.03 -18.01
CA GLU A 625 3.67 28.77 -18.01
C GLU A 625 4.00 27.29 -17.79
N ILE A 626 3.06 26.49 -17.30
CA ILE A 626 3.36 25.12 -16.85
C ILE A 626 2.99 24.15 -17.97
N PRO A 627 3.94 23.36 -18.46
CA PRO A 627 3.74 22.66 -19.73
C PRO A 627 2.94 21.37 -19.61
N TYR A 628 2.49 20.91 -20.77
CA TYR A 628 1.87 19.60 -20.95
C TYR A 628 2.87 18.62 -21.55
N LEU A 629 2.57 17.33 -21.39
CA LEU A 629 3.23 16.31 -22.21
C LEU A 629 2.92 16.57 -23.68
N GLY A 630 3.70 15.95 -24.55
CA GLY A 630 3.44 16.08 -25.98
C GLY A 630 2.04 15.62 -26.32
N LYS A 631 1.38 16.35 -27.23
CA LYS A 631 -0.02 16.06 -27.56
C LYS A 631 -0.17 14.59 -27.93
N ARG A 632 0.83 14.04 -28.62
CA ARG A 632 0.79 12.63 -29.00
C ARG A 632 0.83 11.72 -27.78
N GLU A 633 1.93 11.77 -27.01
CA GLU A 633 2.03 10.89 -25.85
C GLU A 633 0.94 11.15 -24.81
N ASP A 634 0.32 12.34 -24.79
CA ASP A 634 -0.81 12.61 -23.90
C ASP A 634 -1.97 11.68 -24.23
N GLN A 635 -2.16 11.36 -25.51
CA GLN A 635 -3.09 10.31 -25.93
C GLN A 635 -2.56 8.92 -25.56
N GLY A 638 -2.79 7.46 -20.84
CA GLY A 638 -3.37 7.61 -22.16
C GLY A 638 -4.87 7.41 -22.13
N SER A 639 -5.61 7.99 -23.07
CA SER A 639 -7.07 8.02 -23.02
C SER A 639 -7.70 7.26 -24.17
N LEU A 640 -8.80 6.54 -23.87
CA LEU A 640 -9.66 5.89 -24.85
C LEU A 640 -10.75 6.80 -25.41
N ILE A 641 -10.96 7.99 -24.84
CA ILE A 641 -12.08 8.83 -25.26
C ILE A 641 -11.89 9.26 -26.71
N GLY A 642 -13.00 9.36 -27.44
CA GLY A 642 -12.93 9.86 -28.80
C GLY A 642 -12.65 11.35 -28.84
N LEU A 643 -11.96 11.77 -29.90
CA LEU A 643 -11.61 13.19 -30.03
C LEU A 643 -12.84 14.06 -30.19
N THR A 644 -13.92 13.51 -30.76
CA THR A 644 -15.14 14.30 -30.94
C THR A 644 -15.85 14.52 -29.60
N SER A 645 -15.98 13.48 -28.79
CA SER A 645 -16.66 13.67 -27.52
C SER A 645 -15.79 14.43 -26.53
N ARG A 646 -14.45 14.36 -26.67
CA ARG A 646 -13.59 15.19 -25.84
C ARG A 646 -13.72 16.66 -26.22
N ALA A 647 -13.67 16.95 -27.51
CA ALA A 647 -13.82 18.33 -27.97
C ALA A 647 -15.14 18.93 -27.52
N THR A 648 -16.23 18.18 -27.65
CA THR A 648 -17.53 18.70 -27.25
C THR A 648 -17.58 18.93 -25.74
N TRP A 649 -17.04 17.98 -24.97
CA TRP A 649 -16.93 18.12 -23.52
C TRP A 649 -16.17 19.38 -23.14
N ALA A 650 -15.00 19.59 -23.77
CA ALA A 650 -14.20 20.77 -23.47
C ALA A 650 -14.97 22.04 -23.81
N LYS A 651 -15.65 22.06 -24.96
CA LYS A 651 -16.34 23.25 -25.42
C LYS A 651 -17.51 23.63 -24.51
N ASN A 652 -18.20 22.66 -23.94
CA ASN A 652 -19.41 22.96 -23.18
C ASN A 652 -19.19 22.81 -21.68
N ILE A 653 -17.93 22.76 -21.23
CA ILE A 653 -17.63 22.40 -19.86
C ILE A 653 -18.34 23.32 -18.88
N GLN A 654 -18.59 24.58 -19.26
CA GLN A 654 -19.20 25.51 -18.32
C GLN A 654 -20.65 25.17 -18.04
N THR A 655 -21.34 24.56 -19.02
CA THR A 655 -22.70 24.07 -18.79
C THR A 655 -22.71 23.04 -17.66
N ALA A 656 -21.77 22.08 -17.71
CA ALA A 656 -21.69 21.07 -16.66
C ALA A 656 -21.32 21.68 -15.31
N ILE A 657 -20.31 22.57 -15.30
CA ILE A 657 -19.95 23.28 -14.08
C ILE A 657 -21.15 23.96 -13.48
N ASN A 658 -21.91 24.71 -14.29
CA ASN A 658 -23.08 25.39 -13.75
C ASN A 658 -24.11 24.41 -13.22
N GLN A 659 -24.28 23.30 -13.92
CA GLN A 659 -25.21 22.28 -13.47
C GLN A 659 -24.83 21.77 -12.09
N VAL A 660 -23.54 21.52 -11.87
CA VAL A 660 -23.10 21.11 -10.54
C VAL A 660 -23.27 22.25 -9.55
N ARG A 661 -22.99 23.48 -9.97
CA ARG A 661 -23.19 24.62 -9.09
C ARG A 661 -24.63 24.72 -8.63
N SER A 662 -25.57 24.52 -9.56
CA SER A 662 -26.99 24.64 -9.21
C SER A 662 -27.40 23.58 -8.19
N LEU A 663 -26.88 22.35 -8.31
CA LEU A 663 -27.30 21.33 -7.35
C LEU A 663 -26.65 21.51 -5.99
N ILE A 664 -25.47 22.14 -5.93
CA ILE A 664 -24.83 22.39 -4.63
C ILE A 664 -25.52 23.52 -3.90
N GLY A 665 -25.70 24.65 -4.56
CA GLY A 665 -26.66 25.65 -4.09
C GLY A 665 -26.30 27.04 -4.56
N ASN A 666 -27.12 27.99 -4.09
CA ASN A 666 -26.77 29.40 -4.24
C ASN A 666 -25.54 29.69 -3.40
N GLU A 667 -24.38 29.35 -3.92
CA GLU A 667 -23.09 29.60 -3.29
C GLU A 667 -22.34 30.61 -4.13
N GLU A 668 -21.07 30.82 -3.80
CA GLU A 668 -20.21 31.58 -4.68
C GLU A 668 -19.04 30.71 -5.09
N TYR A 669 -18.72 30.80 -6.37
CA TYR A 669 -17.72 29.96 -7.00
C TYR A 669 -16.76 30.85 -7.78
N THR A 670 -15.55 30.35 -7.97
CA THR A 670 -14.53 31.03 -8.76
C THR A 670 -14.39 30.32 -10.10
N ASP A 671 -14.37 31.11 -11.17
CA ASP A 671 -14.08 30.62 -12.52
C ASP A 671 -12.56 30.61 -12.69
N TYR A 672 -11.97 29.42 -12.71
CA TYR A 672 -10.53 29.28 -12.78
C TYR A 672 -10.06 29.35 -14.23
N MET A 673 -8.80 29.78 -14.42
CA MET A 673 -8.17 29.93 -15.73
C MET A 673 -8.52 28.71 -16.55
N PRO A 674 -9.18 28.89 -17.69
CA PRO A 674 -9.53 27.72 -18.50
C PRO A 674 -8.28 27.13 -19.12
N SER A 675 -8.17 25.81 -19.03
CA SER A 675 -7.09 25.14 -19.71
C SER A 675 -7.16 25.43 -21.20
N MET A 676 -6.00 25.72 -21.79
CA MET A 676 -5.82 26.15 -23.18
C MET A 676 -6.94 25.79 -24.17
ZN ZN B . -4.11 -10.28 21.46
ZN ZN C . 2.50 7.97 -20.03
CO CO D . 5.00 -1.43 3.88
CO CO E . -25.96 -17.66 17.83
CO CO F . 7.57 -22.62 15.23
CO CO G . 31.94 -3.76 -6.46
CO CO H . -1.77 -10.09 -7.74
CO CO I . -22.93 -11.83 14.27
CO CO J . -6.37 11.76 -2.71
CO CO K . 19.67 15.47 -4.71
CO CO L . 15.38 -6.94 28.56
C10 B5C M . 1.35 6.95 -4.82
C13 B5C M . 3.47 6.55 -3.36
C01 B5C M . 5.52 6.57 1.04
C02 B5C M . 6.20 6.63 -0.34
C05 B5C M . 5.21 5.43 -2.11
C06 B5C M . 4.84 4.17 -2.72
C07 B5C M . 3.77 4.11 -3.65
C08 B5C M . 3.09 5.27 -3.98
C14 B5C M . 4.51 6.60 -2.45
O03 B5C M . 6.71 7.66 -0.72
O04 B5C M . 6.25 5.51 -1.19
O09 B5C M . 1.82 5.55 -5.01
O11 B5C M . 0.34 7.41 -5.23
S12 B5C M . 2.48 7.71 -3.92
C10 B5C N . -7.02 26.70 -6.52
C13 B5C N . -6.65 25.68 -8.88
C01 B5C N . -4.50 24.18 -13.56
C02 B5C N . -5.73 24.70 -12.84
C05 B5C N . -6.59 24.08 -10.69
C06 B5C N . -6.88 23.00 -9.78
C07 B5C N . -7.03 23.28 -8.41
C08 B5C N . -6.94 24.57 -7.95
C14 B5C N . -6.49 25.41 -10.22
O03 B5C N . -6.10 25.82 -12.98
O04 B5C N . -6.43 23.77 -12.05
O09 B5C N . -7.08 25.21 -6.42
O11 B5C N . -7.26 27.46 -5.64
S12 B5C N . -6.58 27.09 -8.04
#